data_9MDZ
#
_entry.id   9MDZ
#
_cell.length_a   125.615
_cell.length_b   125.615
_cell.length_c   41.563
_cell.angle_alpha   90.00
_cell.angle_beta   90.00
_cell.angle_gamma   90.00
#
_symmetry.space_group_name_H-M   'I 4 2 2'
#
loop_
_entity.id
_entity.type
_entity.pdbx_description
1 polymer 'anti-IL23R VHH'
2 non-polymer GLYCEROL
3 water water
#
_entity_poly.entity_id   1
_entity_poly.type   'polypeptide(L)'
_entity_poly.pdbx_seq_one_letter_code
;EVQLVESGGGLVQPGGSLRLSCAASGFTFSTYAMAWFRQAPGKEREFVAESWSSGTTYYGASVVGRFTMSRDDSKNTVYL
QMNSLRAEDTAVYYCAAKRPDAGWQTYDYWGQGTLVTVSS
;
_entity_poly.pdbx_strand_id   E
#
loop_
_chem_comp.id
_chem_comp.type
_chem_comp.name
_chem_comp.formula
GOL non-polymer GLYCEROL 'C3 H8 O3'
#
# COMPACT_ATOMS: atom_id res chain seq x y z
N GLU A 1 7.76 20.19 -2.13
CA GLU A 1 8.37 18.94 -1.59
C GLU A 1 7.57 17.74 -2.06
N VAL A 2 8.14 16.55 -1.87
CA VAL A 2 7.47 15.33 -2.29
C VAL A 2 6.14 15.22 -1.59
N GLN A 3 5.13 14.73 -2.31
CA GLN A 3 3.84 14.41 -1.74
C GLN A 3 3.48 12.97 -2.09
N LEU A 4 3.05 12.21 -1.09
CA LEU A 4 2.43 10.92 -1.26
C LEU A 4 1.12 11.00 -0.49
N VAL A 5 0.01 10.81 -1.16
CA VAL A 5 -1.31 10.99 -0.55
C VAL A 5 -2.15 9.74 -0.78
N GLU A 6 -2.49 9.06 0.30
CA GLU A 6 -3.33 7.88 0.22
C GLU A 6 -4.80 8.27 0.19
N SER A 7 -5.60 7.44 -0.47
CA SER A 7 -7.05 7.58 -0.51
C SER A 7 -7.67 6.20 -0.40
N GLY A 8 -8.92 6.16 0.08
CA GLY A 8 -9.72 4.95 0.00
C GLY A 8 -9.93 4.18 1.29
N GLY A 9 -9.32 4.57 2.38
CA GLY A 9 -9.49 3.83 3.61
C GLY A 9 -10.91 3.89 4.15
N GLY A 10 -11.22 2.97 5.05
CA GLY A 10 -12.52 2.96 5.71
C GLY A 10 -12.80 1.59 6.33
N LEU A 11 -14.08 1.40 6.65
CA LEU A 11 -14.57 0.20 7.31
C LEU A 11 -15.12 -0.78 6.30
N VAL A 12 -14.79 -2.06 6.48
N VAL A 12 -14.81 -2.05 6.47
CA VAL A 12 -15.25 -3.15 5.63
CA VAL A 12 -15.45 -3.11 5.70
C VAL A 12 -15.50 -4.36 6.52
C VAL A 12 -15.68 -4.30 6.62
N GLN A 13 -16.48 -5.16 6.13
N GLN A 13 -16.50 -5.15 6.15
CA GLN A 13 -16.75 -6.38 6.89
CA GLN A 13 -16.72 -6.37 6.92
C GLN A 13 -15.79 -7.49 6.45
C GLN A 13 -15.78 -7.48 6.46
N PRO A 14 -15.53 -8.47 7.33
CA PRO A 14 -14.68 -9.59 6.93
C PRO A 14 -15.22 -10.27 5.68
N GLY A 15 -14.30 -10.64 4.78
CA GLY A 15 -14.64 -11.18 3.50
C GLY A 15 -14.82 -10.14 2.43
N GLY A 16 -14.92 -8.87 2.79
CA GLY A 16 -15.12 -7.82 1.83
C GLY A 16 -13.84 -7.41 1.15
N SER A 17 -13.96 -6.44 0.25
N SER A 17 -13.96 -6.46 0.24
CA SER A 17 -12.85 -5.92 -0.51
CA SER A 17 -12.83 -5.92 -0.49
C SER A 17 -12.81 -4.40 -0.37
C SER A 17 -12.80 -4.41 -0.37
N LEU A 18 -11.64 -3.85 -0.65
CA LEU A 18 -11.43 -2.40 -0.60
C LEU A 18 -10.24 -2.10 -1.48
N ARG A 19 -10.26 -0.97 -2.16
CA ARG A 19 -9.14 -0.53 -2.96
C ARG A 19 -8.60 0.79 -2.42
N LEU A 20 -7.31 0.81 -2.12
CA LEU A 20 -6.62 2.04 -1.75
C LEU A 20 -5.89 2.57 -2.97
N SER A 21 -5.67 3.87 -3.00
CA SER A 21 -4.82 4.46 -4.01
C SER A 21 -3.84 5.41 -3.34
N CYS A 22 -2.78 5.73 -4.06
N CYS A 22 -2.77 5.73 -4.06
CA CYS A 22 -1.76 6.65 -3.60
CA CYS A 22 -1.77 6.67 -3.59
C CYS A 22 -1.35 7.52 -4.77
C CYS A 22 -1.34 7.52 -4.76
N ALA A 23 -1.42 8.84 -4.58
CA ALA A 23 -1.03 9.82 -5.58
C ALA A 23 0.33 10.38 -5.21
N ALA A 24 1.22 10.46 -6.18
CA ALA A 24 2.61 10.82 -5.94
C ALA A 24 3.06 11.98 -6.81
N SER A 25 3.90 12.84 -6.26
CA SER A 25 4.51 13.92 -7.03
C SER A 25 5.78 14.38 -6.34
N GLY A 26 6.60 15.11 -7.08
CA GLY A 26 7.78 15.74 -6.52
C GLY A 26 9.06 14.96 -6.63
N PHE A 27 9.02 13.77 -7.23
CA PHE A 27 10.18 12.92 -7.44
C PHE A 27 9.94 12.17 -8.75
N THR A 28 10.98 11.50 -9.25
CA THR A 28 10.89 10.82 -10.55
C THR A 28 10.20 9.47 -10.36
N PHE A 29 8.86 9.52 -10.36
CA PHE A 29 8.03 8.35 -10.08
C PHE A 29 8.44 7.13 -10.88
N SER A 30 8.73 7.30 -12.17
CA SER A 30 8.93 6.14 -13.03
C SER A 30 10.15 5.31 -12.63
N THR A 31 11.16 5.91 -12.00
CA THR A 31 12.36 5.17 -11.64
C THR A 31 12.33 4.62 -10.23
N TYR A 32 11.38 5.07 -9.40
CA TYR A 32 11.31 4.63 -8.02
C TYR A 32 10.47 3.37 -7.89
N ALA A 33 10.74 2.59 -6.85
CA ALA A 33 9.80 1.59 -6.41
C ALA A 33 8.73 2.27 -5.58
N MET A 34 7.48 1.86 -5.76
CA MET A 34 6.38 2.31 -4.93
C MET A 34 5.91 1.14 -4.08
N ALA A 35 5.56 1.42 -2.83
CA ALA A 35 5.23 0.35 -1.91
C ALA A 35 4.06 0.71 -1.01
N TRP A 36 3.42 -0.33 -0.51
CA TRP A 36 2.45 -0.24 0.57
C TRP A 36 3.01 -0.94 1.79
N PHE A 37 2.90 -0.28 2.94
CA PHE A 37 3.17 -0.82 4.25
C PHE A 37 1.91 -0.67 5.11
N ARG A 38 1.87 -1.37 6.23
CA ARG A 38 0.77 -1.19 7.16
C ARG A 38 1.27 -1.34 8.57
N GLN A 39 0.55 -0.72 9.50
CA GLN A 39 0.92 -0.80 10.91
C GLN A 39 -0.35 -1.04 11.72
N ALA A 40 -0.43 -2.21 12.32
CA ALA A 40 -1.53 -2.57 13.18
C ALA A 40 -1.32 -1.94 14.55
N PRO A 41 -2.37 -1.84 15.35
CA PRO A 41 -2.25 -1.15 16.64
C PRO A 41 -1.14 -1.71 17.50
N GLY A 42 -0.22 -0.84 17.90
CA GLY A 42 0.86 -1.21 18.80
C GLY A 42 1.94 -2.09 18.21
N LYS A 43 1.91 -2.36 16.91
CA LYS A 43 2.86 -3.27 16.29
C LYS A 43 3.82 -2.49 15.40
N GLU A 44 4.87 -3.18 14.98
CA GLU A 44 5.80 -2.59 14.03
C GLU A 44 5.20 -2.57 12.63
N ARG A 45 5.63 -1.60 11.84
N ARG A 45 5.63 -1.60 11.84
CA ARG A 45 5.20 -1.51 10.46
CA ARG A 45 5.19 -1.53 10.47
C ARG A 45 5.61 -2.77 9.70
C ARG A 45 5.60 -2.78 9.70
N GLU A 46 4.74 -3.20 8.78
CA GLU A 46 4.89 -4.44 8.04
C GLU A 46 4.79 -4.14 6.55
N PHE A 47 5.66 -4.77 5.77
CA PHE A 47 5.63 -4.70 4.32
C PHE A 47 4.37 -5.37 3.78
N VAL A 48 3.70 -4.73 2.84
CA VAL A 48 2.51 -5.26 2.20
C VAL A 48 2.76 -5.58 0.72
N ALA A 49 3.22 -4.61 -0.06
CA ALA A 49 3.40 -4.82 -1.49
C ALA A 49 4.35 -3.78 -2.05
N GLU A 50 4.96 -4.12 -3.20
CA GLU A 50 5.86 -3.19 -3.88
C GLU A 50 5.78 -3.45 -5.37
N SER A 51 5.88 -2.38 -6.15
CA SER A 51 5.77 -2.50 -7.60
C SER A 51 6.71 -1.52 -8.27
N TRP A 52 7.35 -2.01 -9.34
CA TRP A 52 8.29 -1.25 -10.15
C TRP A 52 7.68 -0.99 -11.52
N SER A 53 8.13 0.07 -12.18
CA SER A 53 7.60 0.38 -13.50
C SER A 53 7.90 -0.73 -14.52
N SER A 54 8.89 -1.57 -14.25
CA SER A 54 9.18 -2.71 -15.10
C SER A 54 8.05 -3.73 -15.11
N GLY A 55 7.14 -3.65 -14.16
CA GLY A 55 6.09 -4.63 -13.97
C GLY A 55 6.29 -5.51 -12.75
N THR A 56 7.52 -5.63 -12.26
CA THR A 56 7.80 -6.52 -11.13
C THR A 56 7.04 -6.04 -9.91
N THR A 57 6.24 -6.95 -9.32
CA THR A 57 5.38 -6.65 -8.19
C THR A 57 5.41 -7.84 -7.26
N TYR A 58 5.51 -7.59 -5.95
CA TYR A 58 5.59 -8.68 -4.98
C TYR A 58 5.00 -8.22 -3.66
N TYR A 59 4.82 -9.20 -2.75
CA TYR A 59 3.89 -9.06 -1.64
C TYR A 59 4.44 -9.66 -0.35
N GLY A 60 3.92 -9.15 0.75
CA GLY A 60 4.15 -9.80 2.03
C GLY A 60 3.49 -11.16 2.09
N ALA A 61 4.08 -12.06 2.88
CA ALA A 61 3.58 -13.42 2.97
C ALA A 61 2.14 -13.48 3.49
N SER A 62 1.75 -12.53 4.32
N SER A 62 1.73 -12.54 4.32
CA SER A 62 0.41 -12.56 4.92
CA SER A 62 0.40 -12.61 4.91
C SER A 62 -0.68 -12.17 3.94
C SER A 62 -0.69 -12.04 4.00
N VAL A 63 -0.34 -11.53 2.83
CA VAL A 63 -1.32 -10.98 1.91
C VAL A 63 -1.22 -11.52 0.50
N VAL A 64 -0.11 -12.19 0.16
CA VAL A 64 0.04 -12.70 -1.20
C VAL A 64 -1.12 -13.65 -1.50
N GLY A 65 -1.69 -13.51 -2.69
CA GLY A 65 -2.86 -14.27 -3.08
C GLY A 65 -4.18 -13.63 -2.72
N ARG A 66 -4.19 -12.62 -1.86
CA ARG A 66 -5.39 -11.88 -1.50
C ARG A 66 -5.35 -10.41 -1.91
N PHE A 67 -4.19 -9.79 -1.90
CA PHE A 67 -4.04 -8.39 -2.27
C PHE A 67 -3.28 -8.33 -3.59
N THR A 68 -3.59 -7.34 -4.40
CA THR A 68 -2.81 -7.07 -5.60
C THR A 68 -2.50 -5.58 -5.66
N MET A 69 -1.33 -5.25 -6.14
CA MET A 69 -0.90 -3.87 -6.30
C MET A 69 -0.69 -3.60 -7.78
N SER A 70 -1.04 -2.40 -8.21
N SER A 70 -1.04 -2.39 -8.21
CA SER A 70 -0.78 -1.99 -9.59
CA SER A 70 -0.86 -1.97 -9.60
C SER A 70 -0.29 -0.56 -9.57
C SER A 70 -0.39 -0.52 -9.61
N ARG A 71 0.38 -0.17 -10.64
CA ARG A 71 0.85 1.20 -10.80
C ARG A 71 0.45 1.70 -12.18
N ASP A 72 0.08 2.97 -12.23
CA ASP A 72 -0.23 3.67 -13.46
C ASP A 72 0.84 4.75 -13.59
N ASP A 73 1.91 4.43 -14.31
CA ASP A 73 3.01 5.39 -14.45
C ASP A 73 2.58 6.63 -15.23
N SER A 74 1.58 6.52 -16.11
CA SER A 74 1.14 7.70 -16.84
C SER A 74 0.43 8.71 -15.95
N LYS A 75 -0.08 8.27 -14.79
CA LYS A 75 -0.86 9.13 -13.91
C LYS A 75 -0.26 9.27 -12.51
N ASN A 76 0.95 8.76 -12.29
CA ASN A 76 1.63 8.94 -11.01
C ASN A 76 0.77 8.43 -9.85
N THR A 77 0.13 7.28 -10.05
CA THR A 77 -0.77 6.71 -9.06
C THR A 77 -0.49 5.22 -8.92
N VAL A 78 -0.61 4.72 -7.69
CA VAL A 78 -0.59 3.28 -7.44
C VAL A 78 -1.83 2.88 -6.67
N TYR A 79 -2.14 1.59 -6.72
CA TYR A 79 -3.36 1.06 -6.13
C TYR A 79 -3.03 -0.18 -5.33
N LEU A 80 -3.80 -0.43 -4.28
CA LEU A 80 -3.78 -1.68 -3.53
C LEU A 80 -5.19 -2.24 -3.49
N GLN A 81 -5.43 -3.32 -4.23
CA GLN A 81 -6.71 -4.01 -4.22
C GLN A 81 -6.64 -5.08 -3.13
N MET A 82 -7.47 -4.95 -2.13
N MET A 82 -7.49 -4.93 -2.12
CA MET A 82 -7.50 -5.86 -1.00
CA MET A 82 -7.52 -5.84 -0.97
C MET A 82 -8.77 -6.69 -1.05
C MET A 82 -8.78 -6.69 -1.07
N ASN A 83 -8.62 -8.00 -1.13
CA ASN A 83 -9.74 -8.94 -1.19
C ASN A 83 -9.71 -9.85 0.03
N SER A 84 -10.85 -10.48 0.29
CA SER A 84 -10.97 -11.46 1.36
C SER A 84 -10.40 -10.91 2.67
N LEU A 85 -10.83 -9.72 3.02
CA LEU A 85 -10.25 -9.02 4.16
C LEU A 85 -10.60 -9.71 5.47
N ARG A 86 -9.69 -9.62 6.42
CA ARG A 86 -9.79 -10.25 7.72
C ARG A 86 -9.59 -9.20 8.80
N ALA A 87 -10.10 -9.48 10.01
CA ALA A 87 -9.97 -8.53 11.11
C ALA A 87 -8.52 -8.11 11.31
N GLU A 88 -7.59 -9.05 11.18
CA GLU A 88 -6.18 -8.76 11.44
C GLU A 88 -5.53 -7.94 10.33
N ASP A 89 -6.24 -7.63 9.25
CA ASP A 89 -5.78 -6.67 8.26
C ASP A 89 -6.04 -5.23 8.70
N THR A 90 -6.71 -5.02 9.84
CA THR A 90 -6.95 -3.68 10.35
C THR A 90 -5.62 -3.00 10.64
N ALA A 91 -5.44 -1.78 10.14
CA ALA A 91 -4.16 -1.10 10.26
C ALA A 91 -4.28 0.28 9.65
N VAL A 92 -3.29 1.12 9.94
CA VAL A 92 -3.04 2.29 9.09
C VAL A 92 -2.16 1.83 7.94
N TYR A 93 -2.61 2.08 6.71
CA TYR A 93 -1.87 1.71 5.51
C TYR A 93 -1.16 2.94 4.97
N TYR A 94 0.12 2.77 4.65
CA TYR A 94 0.98 3.84 4.19
C TYR A 94 1.57 3.53 2.82
N CYS A 95 1.58 4.54 1.97
N CYS A 95 1.54 4.50 1.91
CA CYS A 95 2.32 4.53 0.72
CA CYS A 95 2.34 4.33 0.71
C CYS A 95 3.74 4.97 0.97
C CYS A 95 3.70 4.98 0.89
N ALA A 96 4.68 4.40 0.22
CA ALA A 96 6.09 4.78 0.38
C ALA A 96 6.79 4.69 -0.96
N ALA A 97 7.90 5.41 -1.09
CA ALA A 97 8.67 5.45 -2.31
C ALA A 97 10.14 5.26 -2.02
N LYS A 98 10.80 4.50 -2.90
CA LYS A 98 12.18 4.09 -2.72
C LYS A 98 12.99 4.32 -4.00
N ARG A 99 14.13 4.98 -3.85
CA ARG A 99 15.01 5.22 -4.98
C ARG A 99 15.53 3.91 -5.56
N PRO A 100 15.78 3.85 -6.88
CA PRO A 100 16.36 2.63 -7.47
C PRO A 100 17.78 2.39 -7.04
N ASP A 101 18.50 3.42 -6.62
CA ASP A 101 19.90 3.29 -6.19
C ASP A 101 20.04 3.28 -4.66
N ALA A 102 18.93 3.20 -3.93
CA ALA A 102 18.98 3.02 -2.48
C ALA A 102 19.06 1.53 -2.13
N GLY A 103 19.61 1.25 -0.95
CA GLY A 103 19.50 -0.07 -0.38
C GLY A 103 18.06 -0.51 -0.36
N TRP A 104 17.84 -1.82 -0.45
CA TRP A 104 16.50 -2.37 -0.67
C TRP A 104 15.52 -2.11 0.46
N GLN A 105 15.97 -1.65 1.63
CA GLN A 105 15.11 -1.37 2.76
C GLN A 105 15.05 0.12 3.09
N THR A 106 15.54 0.97 2.21
CA THR A 106 15.64 2.40 2.48
C THR A 106 14.56 3.11 1.67
N TYR A 107 13.55 3.63 2.36
CA TYR A 107 12.42 4.34 1.75
C TYR A 107 12.50 5.82 2.10
N ASP A 108 12.68 6.66 1.08
CA ASP A 108 12.90 8.09 1.30
C ASP A 108 11.62 8.83 1.68
N TYR A 109 10.47 8.41 1.15
CA TYR A 109 9.24 9.18 1.29
C TYR A 109 8.11 8.29 1.75
N TRP A 110 7.26 8.85 2.61
CA TRP A 110 6.15 8.15 3.23
C TRP A 110 4.91 9.03 3.21
N GLY A 111 3.78 8.45 2.83
CA GLY A 111 2.52 9.12 3.03
C GLY A 111 2.16 9.15 4.50
N GLN A 112 1.11 9.91 4.81
CA GLN A 112 0.63 10.02 6.18
C GLN A 112 -0.36 8.94 6.55
N GLY A 113 -0.81 8.15 5.58
CA GLY A 113 -1.54 6.94 5.89
C GLY A 113 -3.05 7.09 5.75
N THR A 114 -3.71 5.95 5.67
CA THR A 114 -5.17 5.87 5.69
C THR A 114 -5.57 4.68 6.54
N LEU A 115 -6.53 4.90 7.43
CA LEU A 115 -7.00 3.86 8.32
C LEU A 115 -7.94 2.90 7.61
N VAL A 116 -7.69 1.61 7.78
CA VAL A 116 -8.53 0.53 7.28
C VAL A 116 -8.97 -0.31 8.46
N THR A 117 -10.28 -0.46 8.65
CA THR A 117 -10.82 -1.28 9.72
C THR A 117 -11.63 -2.40 9.10
N VAL A 118 -11.33 -3.63 9.51
CA VAL A 118 -12.09 -4.80 9.07
C VAL A 118 -12.77 -5.36 10.32
N SER A 119 -14.08 -5.27 10.38
CA SER A 119 -14.80 -5.73 11.56
C SER A 119 -16.21 -6.12 11.17
N SER A 120 -16.73 -7.13 11.84
N SER A 120 -16.73 -7.13 11.84
CA SER A 120 -18.13 -7.51 11.70
CA SER A 120 -18.15 -7.46 11.73
C SER A 120 -19.00 -6.35 12.18
C SER A 120 -18.95 -6.44 12.53
C1 GOL B . 4.24 -10.72 6.32
O1 GOL B . 3.34 -10.39 5.29
C2 GOL B . 5.70 -10.53 5.95
O2 GOL B . 6.05 -11.10 4.69
C3 GOL B . 6.07 -9.05 5.96
O3 GOL B . 7.48 -8.97 5.94
H11 GOL B . 4.13 -11.65 6.58
H12 GOL B . 4.07 -10.18 7.10
HO1 GOL B . 3.56 -9.63 4.98
H2 GOL B . 6.19 -11.01 6.64
HO2 GOL B . 6.88 -10.93 4.56
H31 GOL B . 5.70 -8.63 6.76
H32 GOL B . 5.68 -8.61 5.19
HO3 GOL B . 7.71 -8.22 5.62
C1 GOL C . 3.04 13.23 2.48
O1 GOL C . 2.79 14.05 1.35
C2 GOL C . 4.49 13.36 2.89
O2 GOL C . 4.75 14.71 3.22
C3 GOL C . 5.40 12.87 1.78
O3 GOL C . 6.73 12.88 2.24
H11 GOL C . 2.85 12.30 2.29
H12 GOL C . 2.47 13.48 3.23
HO1 GOL C . 2.96 14.86 1.57
H2 GOL C . 4.64 12.79 3.67
HO2 GOL C . 5.53 14.74 3.58
H31 GOL C . 5.29 13.43 1.00
H32 GOL C . 5.13 11.97 1.52
HO3 GOL C . 6.73 12.75 3.08
#